data_4C0M
#
_entry.id   4C0M
#
_cell.length_a   48.000
_cell.length_b   49.400
_cell.length_c   70.910
_cell.angle_alpha   88.56
_cell.angle_beta   77.20
_cell.angle_gamma   72.11
#
_symmetry.space_group_name_H-M   'P 1'
#
_entity_poly.entity_id   1
_entity_poly.type   'polypeptide(L)'
_entity_poly.pdbx_seq_one_letter_code
;SNAMACTGPSLPSAFDILGAAGQDKLLYLKHKLKTPRPGCQGQDLLHAMVLLKLGQETEARISLEALKADAVARLVARQW
AGVDSTEDPEEPPDVSWAVARLYHLLAEEKLCPASLRDVAYQEAVRTLSSRDDHRLGELQDEARNRCGWDIAGDPG
;
_entity_poly.pdbx_strand_id   A,B,C,D
#
# COMPACT_ATOMS: atom_id res chain seq x y z
N GLY A 8 -20.54 9.67 -16.46
CA GLY A 8 -21.43 8.92 -15.58
C GLY A 8 -21.78 7.55 -16.12
N PRO A 9 -21.56 6.45 -15.33
CA PRO A 9 -21.87 5.10 -15.83
C PRO A 9 -23.33 4.94 -16.23
N SER A 10 -23.57 4.37 -17.44
CA SER A 10 -24.91 4.18 -18.02
C SER A 10 -24.91 3.16 -19.16
N LEU A 11 -26.12 2.81 -19.67
CA LEU A 11 -26.28 1.94 -20.83
C LEU A 11 -25.72 2.62 -22.09
N PRO A 12 -26.08 3.90 -22.44
CA PRO A 12 -25.54 4.50 -23.67
C PRO A 12 -24.02 4.72 -23.61
N SER A 13 -23.47 5.04 -22.42
CA SER A 13 -22.03 5.26 -22.24
C SER A 13 -21.28 3.92 -22.39
N ALA A 14 -21.94 2.77 -22.08
CA ALA A 14 -21.39 1.42 -22.25
C ALA A 14 -21.25 1.09 -23.74
N PHE A 15 -22.31 1.34 -24.54
CA PHE A 15 -22.32 1.15 -26.01
C PHE A 15 -21.26 2.03 -26.71
N ASP A 16 -21.04 3.27 -26.19
CA ASP A 16 -20.07 4.24 -26.67
C ASP A 16 -18.62 3.69 -26.54
N ILE A 17 -18.33 3.00 -25.42
CA ILE A 17 -17.02 2.39 -25.15
C ILE A 17 -16.81 1.22 -26.14
N LEU A 18 -17.91 0.48 -26.46
CA LEU A 18 -17.91 -0.61 -27.44
C LEU A 18 -17.66 -0.06 -28.86
N GLY A 19 -18.09 1.18 -29.10
CA GLY A 19 -17.84 1.87 -30.38
C GLY A 19 -16.38 2.27 -30.46
N ALA A 20 -15.90 2.92 -29.39
CA ALA A 20 -14.54 3.41 -29.21
C ALA A 20 -13.47 2.29 -29.20
N ALA A 21 -13.84 1.02 -28.84
CA ALA A 21 -12.93 -0.13 -28.77
C ALA A 21 -12.36 -0.54 -30.14
N GLY A 22 -13.14 -0.33 -31.21
CA GLY A 22 -12.74 -0.66 -32.57
C GLY A 22 -13.29 -1.99 -33.05
N GLN A 23 -13.34 -2.19 -34.37
CA GLN A 23 -13.89 -3.38 -35.03
C GLN A 23 -13.11 -4.65 -34.68
N ASP A 24 -11.78 -4.54 -34.52
CA ASP A 24 -10.91 -5.69 -34.17
C ASP A 24 -11.24 -6.16 -32.74
N LYS A 25 -11.26 -5.22 -31.75
CA LYS A 25 -11.58 -5.52 -30.35
C LYS A 25 -13.04 -5.94 -30.19
N LEU A 26 -13.94 -5.49 -31.09
CA LEU A 26 -15.34 -5.88 -31.06
C LEU A 26 -15.49 -7.37 -31.41
N LEU A 27 -14.85 -7.80 -32.52
CA LEU A 27 -14.85 -9.19 -32.99
C LEU A 27 -14.12 -10.11 -32.00
N TYR A 28 -13.10 -9.58 -31.27
CA TYR A 28 -12.41 -10.32 -30.23
C TYR A 28 -13.40 -10.60 -29.10
N LEU A 29 -14.16 -9.56 -28.65
CA LEU A 29 -15.18 -9.66 -27.61
C LEU A 29 -16.38 -10.47 -28.07
N LYS A 30 -16.64 -10.52 -29.39
CA LYS A 30 -17.74 -11.29 -29.98
C LYS A 30 -17.45 -12.79 -29.81
N HIS A 31 -16.29 -13.25 -30.30
CA HIS A 31 -15.83 -14.63 -30.30
C HIS A 31 -15.51 -15.17 -28.88
N LYS A 32 -15.10 -14.27 -27.96
CA LYS A 32 -14.71 -14.60 -26.59
C LYS A 32 -15.92 -14.71 -25.63
N LEU A 33 -16.89 -13.78 -25.72
CA LEU A 33 -18.03 -13.74 -24.81
C LEU A 33 -19.11 -14.81 -25.11
N LYS A 34 -19.07 -15.46 -26.28
CA LYS A 34 -20.03 -16.51 -26.69
C LYS A 34 -19.94 -17.77 -25.75
N THR A 35 -18.74 -18.00 -25.15
CA THR A 35 -18.48 -19.12 -24.24
C THR A 35 -18.53 -18.64 -22.76
N PRO A 36 -19.30 -19.32 -21.89
CA PRO A 36 -19.39 -18.86 -20.49
C PRO A 36 -18.10 -19.07 -19.68
N ARG A 37 -17.87 -18.19 -18.70
CA ARG A 37 -16.73 -18.22 -17.77
C ARG A 37 -17.23 -18.18 -16.33
N PRO A 38 -16.62 -18.94 -15.39
CA PRO A 38 -17.10 -18.93 -14.00
C PRO A 38 -16.71 -17.63 -13.31
N GLY A 39 -17.70 -16.99 -12.66
CA GLY A 39 -17.55 -15.73 -11.94
C GLY A 39 -17.51 -14.53 -12.87
N CYS A 40 -18.28 -14.58 -13.97
CA CYS A 40 -18.37 -13.53 -14.99
C CYS A 40 -19.85 -13.23 -15.32
N GLN A 41 -20.54 -12.58 -14.38
CA GLN A 41 -21.95 -12.21 -14.56
C GLN A 41 -22.05 -10.98 -15.48
N GLY A 42 -22.98 -11.05 -16.42
CA GLY A 42 -23.20 -10.01 -17.42
C GLY A 42 -22.45 -10.24 -18.72
N GLN A 43 -21.87 -11.46 -18.87
CA GLN A 43 -21.14 -11.88 -20.07
C GLN A 43 -22.09 -12.08 -21.24
N ASP A 44 -23.28 -12.63 -20.95
CA ASP A 44 -24.31 -12.90 -21.95
C ASP A 44 -24.90 -11.61 -22.49
N LEU A 45 -25.16 -10.63 -21.61
CA LEU A 45 -25.69 -9.31 -21.95
C LEU A 45 -24.64 -8.50 -22.73
N LEU A 46 -23.34 -8.52 -22.31
CA LEU A 46 -22.27 -7.80 -23.01
C LEU A 46 -22.04 -8.37 -24.41
N HIS A 47 -22.20 -9.69 -24.58
CA HIS A 47 -22.08 -10.37 -25.86
C HIS A 47 -23.11 -9.83 -26.87
N ALA A 48 -24.38 -9.68 -26.45
CA ALA A 48 -25.49 -9.20 -27.29
C ALA A 48 -25.31 -7.75 -27.72
N MET A 49 -24.71 -6.91 -26.83
CA MET A 49 -24.42 -5.49 -27.05
C MET A 49 -23.25 -5.31 -28.02
N VAL A 50 -22.32 -6.29 -28.08
CA VAL A 50 -21.17 -6.35 -28.99
C VAL A 50 -21.71 -6.57 -30.41
N LEU A 51 -22.65 -7.53 -30.56
CA LEU A 51 -23.31 -7.88 -31.83
C LEU A 51 -24.11 -6.69 -32.36
N LEU A 52 -24.73 -5.90 -31.45
CA LEU A 52 -25.53 -4.71 -31.78
C LEU A 52 -24.65 -3.56 -32.29
N LYS A 53 -23.45 -3.35 -31.68
CA LYS A 53 -22.51 -2.30 -32.13
C LYS A 53 -21.75 -2.76 -33.40
N LEU A 54 -21.79 -4.07 -33.70
CA LEU A 54 -21.19 -4.68 -34.89
C LEU A 54 -22.23 -4.83 -36.02
N GLY A 55 -23.35 -4.10 -35.91
CA GLY A 55 -24.45 -4.12 -36.87
C GLY A 55 -25.21 -5.43 -37.01
N GLN A 56 -24.71 -6.52 -36.34
CA GLN A 56 -25.28 -7.88 -36.39
C GLN A 56 -26.53 -7.96 -35.52
N GLU A 57 -27.65 -7.38 -36.01
CA GLU A 57 -28.94 -7.32 -35.32
C GLU A 57 -29.61 -8.70 -35.17
N THR A 58 -29.62 -9.52 -36.25
CA THR A 58 -30.24 -10.85 -36.27
C THR A 58 -29.64 -11.78 -35.19
N GLU A 59 -28.29 -11.88 -35.08
CA GLU A 59 -27.65 -12.72 -34.06
C GLU A 59 -27.94 -12.16 -32.66
N ALA A 60 -27.89 -10.81 -32.50
CA ALA A 60 -28.15 -10.11 -31.24
C ALA A 60 -29.52 -10.42 -30.68
N ARG A 61 -30.58 -10.37 -31.52
CA ARG A 61 -31.97 -10.62 -31.14
C ARG A 61 -32.20 -12.08 -30.68
N ILE A 62 -31.47 -13.04 -31.28
CA ILE A 62 -31.52 -14.46 -30.93
C ILE A 62 -30.92 -14.64 -29.52
N SER A 63 -29.77 -13.97 -29.24
CA SER A 63 -29.06 -13.97 -27.96
C SER A 63 -29.93 -13.39 -26.84
N LEU A 64 -30.61 -12.24 -27.12
CA LEU A 64 -31.46 -11.53 -26.16
C LEU A 64 -32.76 -12.28 -25.88
N GLU A 65 -33.25 -13.07 -26.84
CA GLU A 65 -34.46 -13.88 -26.67
C GLU A 65 -34.18 -15.02 -25.66
N ALA A 66 -32.94 -15.56 -25.67
CA ALA A 66 -32.51 -16.59 -24.74
C ALA A 66 -32.36 -16.03 -23.30
N LEU A 67 -32.43 -14.68 -23.15
CA LEU A 67 -32.30 -13.95 -21.88
C LEU A 67 -33.59 -13.19 -21.48
N LYS A 68 -34.74 -13.45 -22.17
CA LYS A 68 -36.03 -12.78 -21.97
C LYS A 68 -36.55 -12.84 -20.49
N ALA A 69 -35.88 -13.61 -19.60
CA ALA A 69 -36.23 -13.67 -18.18
C ALA A 69 -35.67 -12.44 -17.42
N ASP A 70 -34.53 -11.87 -17.91
CA ASP A 70 -33.92 -10.69 -17.31
C ASP A 70 -34.56 -9.42 -17.87
N ALA A 71 -35.05 -8.54 -16.98
CA ALA A 71 -35.74 -7.29 -17.35
C ALA A 71 -34.81 -6.29 -18.05
N VAL A 72 -33.51 -6.31 -17.72
CA VAL A 72 -32.54 -5.42 -18.35
C VAL A 72 -32.32 -5.94 -19.81
N ALA A 73 -32.30 -7.29 -19.98
CA ALA A 73 -32.17 -7.95 -21.30
C ALA A 73 -33.42 -7.69 -22.17
N ARG A 74 -34.60 -7.49 -21.54
CA ARG A 74 -35.85 -7.19 -22.22
C ARG A 74 -35.83 -5.76 -22.76
N LEU A 75 -35.36 -4.80 -21.93
CA LEU A 75 -35.25 -3.37 -22.24
C LEU A 75 -34.23 -3.12 -23.37
N VAL A 76 -33.08 -3.87 -23.37
CA VAL A 76 -32.03 -3.80 -24.39
C VAL A 76 -32.57 -4.40 -25.73
N ALA A 77 -33.46 -5.38 -25.66
CA ALA A 77 -34.05 -5.98 -26.86
C ALA A 77 -35.03 -5.04 -27.54
N ARG A 78 -35.78 -4.26 -26.74
CA ARG A 78 -36.81 -3.37 -27.25
C ARG A 78 -36.28 -2.04 -27.76
N GLN A 79 -35.51 -1.32 -26.93
CA GLN A 79 -35.05 0.04 -27.21
C GLN A 79 -33.69 0.12 -27.92
N TRP A 80 -33.00 -1.02 -28.12
CA TRP A 80 -31.70 -1.05 -28.79
C TRP A 80 -31.69 -2.07 -29.93
N ALA A 81 -32.42 -3.21 -29.81
CA ALA A 81 -32.47 -4.26 -30.85
C ALA A 81 -33.79 -4.24 -31.67
N GLY A 82 -34.67 -3.28 -31.36
CA GLY A 82 -35.93 -3.04 -32.07
C GLY A 82 -37.06 -4.05 -31.96
N VAL A 83 -36.92 -5.04 -31.06
CA VAL A 83 -37.91 -6.07 -30.86
C VAL A 83 -39.13 -5.48 -30.13
N ASP A 84 -40.31 -5.58 -30.75
CA ASP A 84 -41.55 -5.08 -30.16
C ASP A 84 -42.02 -6.02 -29.06
N SER A 85 -42.56 -5.45 -27.98
CA SER A 85 -43.07 -6.22 -26.84
C SER A 85 -44.35 -6.98 -27.23
N THR A 86 -44.44 -8.25 -26.79
CA THR A 86 -45.58 -9.14 -27.03
C THR A 86 -46.46 -9.19 -25.76
N GLU A 87 -45.83 -8.99 -24.59
CA GLU A 87 -46.44 -9.00 -23.25
C GLU A 87 -47.17 -7.67 -22.97
N ASP A 88 -47.74 -7.51 -21.76
CA ASP A 88 -48.44 -6.30 -21.32
C ASP A 88 -47.43 -5.17 -21.05
N PRO A 89 -47.77 -3.88 -21.29
CA PRO A 89 -46.79 -2.78 -21.06
C PRO A 89 -46.28 -2.71 -19.62
N GLU A 90 -44.97 -2.97 -19.42
CA GLU A 90 -44.34 -2.97 -18.10
C GLU A 90 -43.52 -1.68 -17.89
N GLU A 91 -43.49 -1.20 -16.63
CA GLU A 91 -42.72 -0.02 -16.20
C GLU A 91 -41.22 -0.32 -16.35
N PRO A 92 -40.35 0.67 -16.72
CA PRO A 92 -38.92 0.35 -16.97
C PRO A 92 -38.15 -0.19 -15.75
N PRO A 93 -37.08 -1.02 -15.97
CA PRO A 93 -36.37 -1.60 -14.83
C PRO A 93 -35.16 -0.81 -14.36
N ASP A 94 -34.72 -1.12 -13.13
CA ASP A 94 -33.50 -0.61 -12.52
C ASP A 94 -32.35 -1.30 -13.25
N VAL A 95 -31.41 -0.50 -13.78
CA VAL A 95 -30.32 -1.03 -14.59
C VAL A 95 -28.97 -0.96 -13.83
N SER A 96 -28.93 -0.21 -12.71
CA SER A 96 -27.78 0.04 -11.84
C SER A 96 -26.83 -1.17 -11.64
N TRP A 97 -27.35 -2.36 -11.20
CA TRP A 97 -26.56 -3.56 -10.93
C TRP A 97 -26.00 -4.20 -12.24
N ALA A 98 -26.81 -4.26 -13.33
CA ALA A 98 -26.35 -4.81 -14.61
C ALA A 98 -25.26 -3.93 -15.21
N VAL A 99 -25.47 -2.58 -15.14
CA VAL A 99 -24.53 -1.56 -15.63
C VAL A 99 -23.22 -1.67 -14.82
N ALA A 100 -23.31 -2.07 -13.53
CA ALA A 100 -22.17 -2.27 -12.63
C ALA A 100 -21.30 -3.47 -13.08
N ARG A 101 -21.95 -4.60 -13.45
CA ARG A 101 -21.30 -5.81 -13.95
C ARG A 101 -20.72 -5.57 -15.35
N LEU A 102 -21.51 -4.92 -16.24
CA LEU A 102 -21.07 -4.59 -17.60
C LEU A 102 -19.83 -3.72 -17.57
N TYR A 103 -19.74 -2.78 -16.60
CA TYR A 103 -18.62 -1.85 -16.44
C TYR A 103 -17.39 -2.57 -15.87
N HIS A 104 -17.60 -3.65 -15.09
CA HIS A 104 -16.49 -4.42 -14.53
C HIS A 104 -15.69 -5.14 -15.66
N LEU A 105 -16.42 -5.83 -16.58
CA LEU A 105 -15.88 -6.57 -17.74
C LEU A 105 -15.16 -5.62 -18.69
N LEU A 106 -15.71 -4.40 -18.88
CA LEU A 106 -15.11 -3.38 -19.74
C LEU A 106 -13.79 -2.85 -19.14
N ALA A 107 -13.68 -2.80 -17.80
CA ALA A 107 -12.47 -2.36 -17.10
C ALA A 107 -11.38 -3.44 -17.16
N GLU A 108 -11.79 -4.72 -17.04
CA GLU A 108 -10.94 -5.93 -17.09
C GLU A 108 -10.30 -6.08 -18.47
N GLU A 109 -11.10 -5.84 -19.51
CA GLU A 109 -10.69 -5.87 -20.91
C GLU A 109 -9.89 -4.61 -21.31
N LYS A 110 -9.66 -3.70 -20.32
CA LYS A 110 -8.92 -2.43 -20.41
C LYS A 110 -9.53 -1.49 -21.46
N LEU A 111 -10.88 -1.48 -21.55
CA LEU A 111 -11.63 -0.63 -22.49
C LEU A 111 -12.11 0.68 -21.81
N CYS A 112 -12.15 0.72 -20.46
CA CYS A 112 -12.55 1.89 -19.66
C CYS A 112 -11.79 1.88 -18.30
N PRO A 113 -11.72 3.02 -17.54
CA PRO A 113 -10.98 2.98 -16.26
C PRO A 113 -11.73 2.22 -15.17
N ALA A 114 -10.96 1.70 -14.19
CA ALA A 114 -11.48 0.96 -13.03
C ALA A 114 -12.41 1.84 -12.18
N SER A 115 -12.13 3.16 -12.12
CA SER A 115 -12.91 4.13 -11.39
C SER A 115 -14.37 4.21 -11.88
N LEU A 116 -14.65 3.94 -13.19
CA LEU A 116 -16.02 3.98 -13.71
C LEU A 116 -16.84 2.77 -13.22
N ARG A 117 -16.16 1.67 -12.89
CA ARG A 117 -16.79 0.47 -12.32
C ARG A 117 -17.14 0.77 -10.88
N ASP A 118 -16.24 1.50 -10.17
CA ASP A 118 -16.42 1.91 -8.77
C ASP A 118 -17.62 2.87 -8.63
N VAL A 119 -17.79 3.83 -9.56
CA VAL A 119 -18.93 4.76 -9.55
C VAL A 119 -20.24 3.96 -9.79
N ALA A 120 -20.22 3.02 -10.78
CA ALA A 120 -21.36 2.16 -11.11
C ALA A 120 -21.77 1.25 -9.94
N TYR A 121 -20.78 0.67 -9.20
CA TYR A 121 -21.07 -0.17 -8.05
C TYR A 121 -21.52 0.67 -6.84
N GLN A 122 -21.05 1.92 -6.72
CA GLN A 122 -21.50 2.81 -5.63
C GLN A 122 -22.97 3.19 -5.88
N GLU A 123 -23.29 3.67 -7.11
CA GLU A 123 -24.65 4.05 -7.51
C GLU A 123 -25.60 2.86 -7.38
N ALA A 124 -25.12 1.64 -7.67
CA ALA A 124 -25.92 0.42 -7.53
C ALA A 124 -26.34 0.23 -6.06
N VAL A 125 -25.38 0.42 -5.13
CA VAL A 125 -25.59 0.27 -3.69
C VAL A 125 -26.60 1.32 -3.22
N ARG A 126 -26.49 2.56 -3.73
CA ARG A 126 -27.38 3.69 -3.45
C ARG A 126 -28.82 3.38 -3.84
N THR A 127 -29.05 2.91 -5.08
CA THR A 127 -30.37 2.60 -5.63
C THR A 127 -31.08 1.45 -4.86
N LEU A 128 -30.33 0.39 -4.51
CA LEU A 128 -30.89 -0.76 -3.79
C LEU A 128 -31.16 -0.37 -2.32
N SER A 129 -30.45 0.65 -1.80
CA SER A 129 -30.64 1.13 -0.44
C SER A 129 -31.90 1.99 -0.29
N SER A 130 -32.25 2.75 -1.34
CA SER A 130 -33.41 3.64 -1.36
C SER A 130 -34.77 2.89 -1.32
N ARG A 131 -34.78 1.57 -1.56
CA ARG A 131 -36.00 0.77 -1.54
C ARG A 131 -35.86 -0.48 -0.64
N ASP A 132 -34.84 -0.45 0.26
CA ASP A 132 -34.47 -1.48 1.25
C ASP A 132 -34.48 -2.91 0.66
N ASP A 133 -33.82 -3.10 -0.51
CA ASP A 133 -33.74 -4.38 -1.22
C ASP A 133 -33.07 -5.47 -0.36
N HIS A 134 -33.65 -6.69 -0.38
CA HIS A 134 -33.19 -7.86 0.37
C HIS A 134 -31.86 -8.42 -0.20
N ARG A 135 -31.50 -7.99 -1.43
CA ARG A 135 -30.29 -8.38 -2.14
C ARG A 135 -29.15 -7.34 -1.99
N LEU A 136 -29.24 -6.43 -0.99
CA LEU A 136 -28.24 -5.38 -0.77
C LEU A 136 -26.88 -5.99 -0.34
N GLY A 137 -26.89 -6.87 0.67
CA GLY A 137 -25.69 -7.55 1.17
C GLY A 137 -24.94 -8.34 0.11
N GLU A 138 -25.69 -8.92 -0.85
CA GLU A 138 -25.19 -9.68 -2.00
C GLU A 138 -24.35 -8.78 -2.92
N LEU A 139 -24.91 -7.60 -3.26
CA LEU A 139 -24.31 -6.57 -4.11
C LEU A 139 -23.09 -5.94 -3.39
N GLN A 140 -23.18 -5.67 -2.06
CA GLN A 140 -22.09 -5.12 -1.24
C GLN A 140 -20.89 -6.07 -1.24
N ASP A 141 -21.14 -7.40 -1.21
CA ASP A 141 -20.12 -8.44 -1.28
C ASP A 141 -19.44 -8.44 -2.66
N GLU A 142 -20.22 -8.20 -3.75
CA GLU A 142 -19.78 -8.14 -5.15
C GLU A 142 -18.98 -6.86 -5.39
N ALA A 143 -19.50 -5.72 -4.92
CA ALA A 143 -18.84 -4.43 -5.02
C ALA A 143 -17.46 -4.49 -4.36
N ARG A 144 -17.36 -5.11 -3.15
CA ARG A 144 -16.10 -5.23 -2.42
C ARG A 144 -15.12 -6.16 -3.11
N ASN A 145 -15.62 -7.22 -3.79
CA ASN A 145 -14.81 -8.22 -4.47
C ASN A 145 -14.28 -7.74 -5.83
N ARG A 146 -15.15 -7.13 -6.65
CA ARG A 146 -14.79 -6.63 -7.98
C ARG A 146 -13.96 -5.34 -7.85
N CYS A 147 -14.49 -4.31 -7.13
CA CYS A 147 -13.82 -3.01 -6.89
C CYS A 147 -12.65 -3.20 -5.92
N GLY B 8 14.34 -26.84 4.83
CA GLY B 8 14.32 -26.18 6.13
C GLY B 8 14.83 -24.75 6.12
N PRO B 9 14.19 -23.84 6.92
CA PRO B 9 14.64 -22.44 6.99
C PRO B 9 16.07 -22.30 7.50
N SER B 10 16.88 -21.56 6.76
CA SER B 10 18.29 -21.36 7.05
C SER B 10 18.82 -20.08 6.40
N LEU B 11 20.09 -19.72 6.70
CA LEU B 11 20.77 -18.59 6.08
C LEU B 11 21.02 -18.87 4.60
N PRO B 12 21.61 -20.05 4.17
CA PRO B 12 21.83 -20.27 2.73
C PRO B 12 20.54 -20.39 1.92
N SER B 13 19.47 -20.95 2.51
CA SER B 13 18.16 -21.07 1.84
C SER B 13 17.51 -19.68 1.64
N ALA B 14 17.81 -18.70 2.55
CA ALA B 14 17.34 -17.31 2.47
C ALA B 14 18.04 -16.55 1.33
N PHE B 15 19.37 -16.75 1.13
CA PHE B 15 20.15 -16.18 0.03
C PHE B 15 19.70 -16.79 -1.34
N ASP B 16 19.33 -18.09 -1.35
CA ASP B 16 18.83 -18.83 -2.52
C ASP B 16 17.52 -18.20 -3.05
N ILE B 17 16.61 -17.78 -2.14
CA ILE B 17 15.32 -17.14 -2.45
C ILE B 17 15.62 -15.76 -3.05
N LEU B 18 16.67 -15.07 -2.53
CA LEU B 18 17.12 -13.76 -3.03
C LEU B 18 17.72 -13.93 -4.46
N GLY B 19 18.28 -15.10 -4.75
CA GLY B 19 18.81 -15.41 -6.08
C GLY B 19 17.66 -15.65 -7.03
N ALA B 20 16.71 -16.50 -6.60
CA ALA B 20 15.50 -16.89 -7.30
C ALA B 20 14.55 -15.72 -7.60
N ALA B 21 14.56 -14.64 -6.77
CA ALA B 21 13.69 -13.45 -6.91
C ALA B 21 13.94 -12.67 -8.21
N GLY B 22 15.18 -12.68 -8.69
CA GLY B 22 15.59 -11.98 -9.91
C GLY B 22 16.21 -10.63 -9.65
N GLN B 23 16.96 -10.12 -10.63
CA GLN B 23 17.68 -8.84 -10.57
C GLN B 23 16.74 -7.64 -10.39
N ASP B 24 15.54 -7.69 -11.01
CA ASP B 24 14.55 -6.61 -10.90
C ASP B 24 14.02 -6.51 -9.46
N LYS B 25 13.57 -7.66 -8.90
CA LYS B 25 13.05 -7.75 -7.53
C LYS B 25 14.16 -7.52 -6.50
N LEU B 26 15.43 -7.79 -6.85
CA LEU B 26 16.57 -7.55 -5.96
C LEU B 26 16.76 -6.03 -5.79
N LEU B 27 16.80 -5.27 -6.91
CA LEU B 27 16.96 -3.82 -6.91
C LEU B 27 15.74 -3.14 -6.27
N TYR B 28 14.54 -3.76 -6.37
CA TYR B 28 13.33 -3.25 -5.73
C TYR B 28 13.52 -3.34 -4.22
N LEU B 29 14.01 -4.51 -3.73
CA LEU B 29 14.30 -4.77 -2.31
C LEU B 29 15.50 -3.97 -1.82
N LYS B 30 16.43 -3.61 -2.72
CA LYS B 30 17.60 -2.79 -2.40
C LYS B 30 17.15 -1.37 -2.03
N HIS B 31 16.42 -0.71 -2.93
CA HIS B 31 15.93 0.66 -2.82
C HIS B 31 14.86 0.84 -1.73
N LYS B 32 14.08 -0.23 -1.46
CA LYS B 32 12.97 -0.22 -0.47
C LYS B 32 13.46 -0.47 0.97
N LEU B 33 14.39 -1.41 1.18
CA LEU B 33 14.85 -1.77 2.53
C LEU B 33 15.84 -0.76 3.17
N LYS B 34 16.40 0.17 2.37
CA LYS B 34 17.35 1.20 2.84
C LYS B 34 16.66 2.19 3.85
N THR B 35 15.31 2.34 3.76
CA THR B 35 14.51 3.21 4.63
C THR B 35 13.80 2.36 5.71
N PRO B 36 13.91 2.73 7.01
CA PRO B 36 13.27 1.92 8.05
C PRO B 36 11.73 2.03 8.07
N ARG B 37 11.06 0.94 8.50
CA ARG B 37 9.60 0.83 8.63
C ARG B 37 9.23 0.37 10.04
N PRO B 38 8.14 0.90 10.64
CA PRO B 38 7.77 0.47 12.00
C PRO B 38 7.15 -0.92 11.99
N GLY B 39 7.66 -1.79 12.87
CA GLY B 39 7.25 -3.17 13.03
C GLY B 39 7.82 -4.09 11.95
N CYS B 40 9.06 -3.82 11.51
CA CYS B 40 9.77 -4.56 10.46
C CYS B 40 11.19 -4.90 10.90
N GLN B 41 11.31 -5.83 11.87
CA GLN B 41 12.61 -6.25 12.39
C GLN B 41 13.31 -7.18 11.40
N GLY B 42 14.61 -6.93 11.19
CA GLY B 42 15.46 -7.67 10.28
C GLY B 42 15.51 -7.04 8.89
N GLN B 43 15.03 -5.79 8.77
CA GLN B 43 15.03 -5.03 7.52
C GLN B 43 16.44 -4.61 7.15
N ASP B 44 17.26 -4.26 8.17
CA ASP B 44 18.64 -3.83 7.99
C ASP B 44 19.51 -4.98 7.53
N LEU B 45 19.32 -6.17 8.13
CA LEU B 45 20.04 -7.41 7.79
C LEU B 45 19.64 -7.90 6.39
N LEU B 46 18.33 -7.88 6.04
CA LEU B 46 17.85 -8.30 4.72
C LEU B 46 18.38 -7.39 3.61
N HIS B 47 18.52 -6.09 3.91
CA HIS B 47 19.05 -5.09 2.99
C HIS B 47 20.50 -5.45 2.59
N ALA B 48 21.36 -5.80 3.56
CA ALA B 48 22.77 -6.15 3.37
C ALA B 48 22.95 -7.42 2.55
N MET B 49 22.04 -8.41 2.73
CA MET B 49 22.00 -9.69 2.03
C MET B 49 21.58 -9.53 0.58
N VAL B 50 20.75 -8.49 0.28
CA VAL B 50 20.28 -8.11 -1.05
C VAL B 50 21.48 -7.58 -1.84
N LEU B 51 22.28 -6.69 -1.22
CA LEU B 51 23.49 -6.08 -1.78
C LEU B 51 24.55 -7.15 -2.09
N LEU B 52 24.62 -8.21 -1.23
CA LEU B 52 25.56 -9.32 -1.37
C LEU B 52 25.18 -10.23 -2.56
N LYS B 53 23.87 -10.49 -2.75
CA LYS B 53 23.40 -11.33 -3.89
C LYS B 53 23.43 -10.51 -5.20
N LEU B 54 23.52 -9.17 -5.08
CA LEU B 54 23.62 -8.22 -6.20
C LEU B 54 25.08 -7.87 -6.53
N GLY B 55 26.02 -8.68 -6.02
CA GLY B 55 27.45 -8.49 -6.21
C GLY B 55 28.06 -7.24 -5.58
N GLN B 56 27.20 -6.34 -5.02
CA GLN B 56 27.60 -5.06 -4.39
C GLN B 56 28.17 -5.30 -3.00
N GLU B 57 29.41 -5.84 -2.95
CA GLU B 57 30.11 -6.20 -1.70
C GLU B 57 30.50 -4.97 -0.87
N THR B 58 31.02 -3.89 -1.52
CA THR B 58 31.47 -2.66 -0.85
C THR B 58 30.32 -1.99 -0.06
N GLU B 59 29.12 -1.81 -0.68
CA GLU B 59 27.98 -1.20 0.01
C GLU B 59 27.50 -2.13 1.15
N ALA B 60 27.48 -3.46 0.90
CA ALA B 60 27.07 -4.48 1.86
C ALA B 60 27.89 -4.45 3.14
N ARG B 61 29.23 -4.35 3.01
CA ARG B 61 30.18 -4.33 4.13
C ARG B 61 30.01 -3.05 5.00
N ILE B 62 29.66 -1.92 4.37
CA ILE B 62 29.39 -0.64 5.05
C ILE B 62 28.11 -0.79 5.89
N SER B 63 27.06 -1.41 5.33
CA SER B 63 25.78 -1.67 5.99
C SER B 63 25.93 -2.60 7.20
N LEU B 64 26.73 -3.67 7.05
CA LEU B 64 27.00 -4.68 8.08
C LEU B 64 27.88 -4.14 9.19
N GLU B 65 28.77 -3.15 8.89
CA GLU B 65 29.63 -2.53 9.90
C GLU B 65 28.75 -1.66 10.84
N ALA B 66 27.68 -1.05 10.31
CA ALA B 66 26.72 -0.25 11.10
C ALA B 66 25.88 -1.16 12.03
N LEU B 67 25.97 -2.49 11.83
CA LEU B 67 25.23 -3.52 12.58
C LEU B 67 26.16 -4.45 13.39
N LYS B 68 27.46 -4.11 13.53
CA LYS B 68 28.49 -4.91 14.21
C LYS B 68 28.11 -5.30 15.69
N ALA B 69 27.03 -4.72 16.23
CA ALA B 69 26.55 -5.07 17.58
C ALA B 69 25.76 -6.39 17.55
N ASP B 70 25.10 -6.71 16.41
CA ASP B 70 24.35 -7.96 16.25
C ASP B 70 25.29 -9.09 15.82
N ALA B 71 25.29 -10.22 16.57
CA ALA B 71 26.16 -11.36 16.33
C ALA B 71 25.85 -12.07 15.00
N VAL B 72 24.56 -12.02 14.57
CA VAL B 72 24.16 -12.65 13.31
C VAL B 72 24.71 -11.76 12.17
N ALA B 73 24.69 -10.41 12.36
CA ALA B 73 25.25 -9.43 11.41
C ALA B 73 26.79 -9.55 11.31
N ARG B 74 27.45 -10.01 12.41
CA ARG B 74 28.89 -10.22 12.45
C ARG B 74 29.27 -11.46 11.65
N LEU B 75 28.50 -12.56 11.82
CA LEU B 75 28.67 -13.84 11.13
C LEU B 75 28.44 -13.72 9.61
N VAL B 76 27.44 -12.89 9.19
CA VAL B 76 27.10 -12.61 7.79
C VAL B 76 28.22 -11.75 7.15
N ALA B 77 28.87 -10.90 7.96
CA ALA B 77 29.97 -10.06 7.47
C ALA B 77 31.23 -10.88 7.20
N ARG B 78 31.48 -11.90 8.03
CA ARG B 78 32.68 -12.71 7.93
C ARG B 78 32.58 -13.82 6.88
N GLN B 79 31.56 -14.67 6.96
CA GLN B 79 31.43 -15.86 6.13
C GLN B 79 30.66 -15.63 4.80
N TRP B 80 30.09 -14.43 4.59
CA TRP B 80 29.37 -14.12 3.36
C TRP B 80 29.90 -12.84 2.70
N ALA B 81 30.36 -11.84 3.49
CA ALA B 81 30.90 -10.57 2.96
C ALA B 81 32.44 -10.50 2.99
N GLY B 82 33.08 -11.58 3.44
CA GLY B 82 34.53 -11.77 3.47
C GLY B 82 35.36 -10.93 4.42
N VAL B 83 34.71 -10.17 5.33
CA VAL B 83 35.40 -9.32 6.30
C VAL B 83 36.08 -10.21 7.38
N ASP B 84 37.40 -10.10 7.51
CA ASP B 84 38.14 -10.88 8.50
C ASP B 84 37.94 -10.29 9.90
N SER B 85 37.81 -11.17 10.91
CA SER B 85 37.64 -10.75 12.30
C SER B 85 38.95 -10.16 12.83
N THR B 86 38.83 -9.04 13.57
CA THR B 86 39.94 -8.29 14.18
C THR B 86 40.03 -8.66 15.67
N GLU B 87 38.87 -9.03 16.28
CA GLU B 87 38.68 -9.42 17.68
C GLU B 87 39.15 -10.87 17.90
N ASP B 88 39.03 -11.37 19.15
CA ASP B 88 39.40 -12.75 19.48
C ASP B 88 38.35 -13.74 18.94
N PRO B 89 38.75 -14.97 18.51
CA PRO B 89 37.77 -15.93 17.92
C PRO B 89 36.60 -16.25 18.85
N GLU B 90 35.37 -15.86 18.42
CA GLU B 90 34.14 -16.10 19.17
C GLU B 90 33.38 -17.30 18.59
N GLU B 91 32.71 -18.07 19.46
CA GLU B 91 31.91 -19.24 19.09
C GLU B 91 30.71 -18.78 18.22
N PRO B 92 30.25 -19.56 17.22
CA PRO B 92 29.16 -19.10 16.34
C PRO B 92 27.83 -18.79 17.06
N PRO B 93 27.00 -17.85 16.53
CA PRO B 93 25.76 -17.51 17.23
C PRO B 93 24.52 -18.30 16.78
N ASP B 94 23.47 -18.26 17.62
CA ASP B 94 22.15 -18.82 17.32
C ASP B 94 21.54 -17.90 16.28
N VAL B 95 21.10 -18.46 15.15
CA VAL B 95 20.57 -17.64 14.05
C VAL B 95 19.04 -17.76 13.92
N SER B 96 18.44 -18.73 14.61
CA SER B 96 17.02 -19.11 14.64
C SER B 96 16.03 -17.91 14.60
N TRP B 97 16.14 -16.92 15.52
CA TRP B 97 15.23 -15.76 15.60
C TRP B 97 15.41 -14.81 14.41
N ALA B 98 16.68 -14.55 14.01
CA ALA B 98 17.02 -13.69 12.88
C ALA B 98 16.53 -14.28 11.57
N VAL B 99 16.70 -15.61 11.40
CA VAL B 99 16.25 -16.39 10.24
C VAL B 99 14.70 -16.34 10.17
N ALA B 100 13.99 -16.29 11.33
CA ALA B 100 12.51 -16.19 11.36
C ALA B 100 12.03 -14.80 10.86
N ARG B 101 12.78 -13.74 11.20
CA ARG B 101 12.45 -12.37 10.80
C ARG B 101 12.71 -12.17 9.30
N LEU B 102 13.82 -12.71 8.78
CA LEU B 102 14.17 -12.63 7.37
C LEU B 102 13.18 -13.42 6.51
N TYR B 103 12.67 -14.54 7.06
CA TYR B 103 11.70 -15.38 6.35
C TYR B 103 10.35 -14.68 6.37
N HIS B 104 10.00 -13.97 7.47
CA HIS B 104 8.74 -13.21 7.54
C HIS B 104 8.73 -12.16 6.44
N LEU B 105 9.80 -11.32 6.38
CA LEU B 105 9.97 -10.24 5.40
C LEU B 105 9.95 -10.77 3.97
N LEU B 106 10.56 -11.96 3.71
CA LEU B 106 10.55 -12.63 2.40
C LEU B 106 9.12 -13.06 2.03
N ALA B 107 8.42 -13.75 2.95
CA ALA B 107 7.04 -14.21 2.74
C ALA B 107 6.07 -13.02 2.46
N GLU B 108 6.23 -11.87 3.17
CA GLU B 108 5.45 -10.64 3.00
C GLU B 108 5.63 -10.06 1.60
N GLU B 109 6.86 -10.17 1.07
CA GLU B 109 7.26 -9.73 -0.26
C GLU B 109 6.86 -10.74 -1.35
N LYS B 110 6.16 -11.84 -0.96
CA LYS B 110 5.66 -12.92 -1.82
C LYS B 110 6.80 -13.62 -2.61
N LEU B 111 7.98 -13.76 -1.95
CA LEU B 111 9.17 -14.41 -2.51
C LEU B 111 9.28 -15.87 -2.05
N CYS B 112 8.61 -16.25 -0.94
CA CYS B 112 8.59 -17.61 -0.39
C CYS B 112 7.26 -17.89 0.34
N PRO B 113 6.77 -19.15 0.43
CA PRO B 113 5.50 -19.39 1.15
C PRO B 113 5.57 -19.00 2.62
N ALA B 114 4.42 -18.57 3.18
CA ALA B 114 4.29 -18.12 4.58
C ALA B 114 4.57 -19.25 5.58
N SER B 115 4.34 -20.52 5.17
CA SER B 115 4.59 -21.70 5.98
C SER B 115 6.09 -21.83 6.30
N LEU B 116 6.98 -21.22 5.46
CA LEU B 116 8.41 -21.20 5.69
C LEU B 116 8.74 -20.23 6.84
N ARG B 117 7.92 -19.16 7.02
CA ARG B 117 8.04 -18.21 8.15
C ARG B 117 7.53 -18.92 9.40
N ASP B 118 6.41 -19.66 9.28
CA ASP B 118 5.83 -20.43 10.37
C ASP B 118 6.82 -21.52 10.85
N VAL B 119 7.42 -22.32 9.92
CA VAL B 119 8.40 -23.36 10.26
C VAL B 119 9.59 -22.73 11.00
N ALA B 120 10.14 -21.60 10.47
CA ALA B 120 11.26 -20.87 11.08
C ALA B 120 10.89 -20.34 12.47
N TYR B 121 9.65 -19.79 12.66
CA TYR B 121 9.22 -19.29 13.98
C TYR B 121 9.02 -20.45 14.97
N GLN B 122 8.69 -21.67 14.48
CA GLN B 122 8.55 -22.85 15.33
C GLN B 122 9.92 -23.37 15.82
N GLU B 123 10.96 -23.32 14.95
CA GLU B 123 12.32 -23.77 15.28
C GLU B 123 13.00 -22.72 16.16
N ALA B 124 12.62 -21.43 16.01
CA ALA B 124 13.17 -20.36 16.84
C ALA B 124 12.73 -20.52 18.29
N VAL B 125 11.45 -20.90 18.49
CA VAL B 125 10.83 -21.14 19.80
C VAL B 125 11.49 -22.36 20.46
N ARG B 126 11.78 -23.40 19.64
CA ARG B 126 12.42 -24.65 20.05
C ARG B 126 13.81 -24.41 20.63
N THR B 127 14.66 -23.65 19.92
CA THR B 127 16.04 -23.34 20.30
C THR B 127 16.11 -22.48 21.58
N LEU B 128 15.23 -21.47 21.72
CA LEU B 128 15.20 -20.62 22.90
C LEU B 128 14.65 -21.38 24.11
N SER B 129 13.84 -22.42 23.88
CA SER B 129 13.26 -23.26 24.92
C SER B 129 14.30 -24.22 25.52
N SER B 130 15.22 -24.74 24.67
CA SER B 130 16.23 -25.70 25.08
C SER B 130 17.29 -25.12 26.06
N ARG B 131 17.35 -23.77 26.21
CA ARG B 131 18.32 -23.12 27.10
C ARG B 131 17.62 -22.13 28.04
N ASP B 132 16.29 -22.28 28.20
CA ASP B 132 15.39 -21.51 29.07
C ASP B 132 15.63 -19.98 28.96
N ASP B 133 15.70 -19.45 27.72
CA ASP B 133 15.96 -18.03 27.44
C ASP B 133 14.87 -17.12 28.06
N HIS B 134 15.29 -15.98 28.66
CA HIS B 134 14.41 -15.02 29.34
C HIS B 134 13.56 -14.23 28.32
N ARG B 135 13.94 -14.31 27.03
CA ARG B 135 13.28 -13.64 25.91
C ARG B 135 12.32 -14.59 25.16
N LEU B 136 11.91 -15.73 25.78
CA LEU B 136 11.03 -16.70 25.13
C LEU B 136 9.62 -16.12 24.89
N GLY B 137 9.00 -15.54 25.94
CA GLY B 137 7.69 -14.92 25.88
C GLY B 137 7.58 -13.83 24.82
N GLU B 138 8.69 -13.08 24.62
CA GLU B 138 8.84 -11.98 23.65
C GLU B 138 8.70 -12.54 22.21
N LEU B 139 9.44 -13.63 21.93
CA LEU B 139 9.48 -14.34 20.65
C LEU B 139 8.12 -15.02 20.38
N GLN B 140 7.49 -15.66 21.42
CA GLN B 140 6.17 -16.32 21.33
C GLN B 140 5.09 -15.30 20.94
N ASP B 141 5.19 -14.06 21.49
CA ASP B 141 4.30 -12.94 21.15
C ASP B 141 4.50 -12.51 19.70
N GLU B 142 5.78 -12.50 19.22
CA GLU B 142 6.21 -12.10 17.88
C GLU B 142 5.76 -13.14 16.85
N ALA B 143 5.99 -14.42 17.14
CA ALA B 143 5.52 -15.50 16.28
C ALA B 143 4.03 -15.36 16.03
N ARG B 144 3.22 -15.33 17.13
CA ARG B 144 1.75 -15.20 17.12
C ARG B 144 1.26 -13.95 16.38
N ASN B 145 1.99 -12.84 16.44
CA ASN B 145 1.60 -11.58 15.80
C ASN B 145 1.89 -11.56 14.30
N ARG B 146 3.09 -12.02 13.90
CA ARG B 146 3.56 -12.05 12.52
C ARG B 146 2.88 -13.20 11.74
N CYS B 147 2.90 -14.42 12.31
CA CYS B 147 2.33 -15.62 11.69
C CYS B 147 0.79 -15.58 11.64
N GLY B 148 0.15 -15.03 12.68
CA GLY B 148 -1.31 -14.90 12.77
C GLY B 148 -1.93 -15.61 13.95
N GLY C 8 26.30 13.81 -8.92
CA GLY C 8 25.97 13.49 -10.30
C GLY C 8 24.50 13.20 -10.52
N PRO C 9 23.83 13.91 -11.48
CA PRO C 9 22.39 13.67 -11.75
C PRO C 9 22.09 12.21 -12.06
N SER C 10 21.04 11.67 -11.40
CA SER C 10 20.64 10.29 -11.57
C SER C 10 19.22 10.02 -11.03
N LEU C 11 18.71 8.79 -11.23
CA LEU C 11 17.43 8.36 -10.71
C LEU C 11 17.49 8.26 -9.17
N PRO C 12 18.51 7.58 -8.53
CA PRO C 12 18.52 7.51 -7.05
C PRO C 12 18.75 8.86 -6.38
N SER C 13 19.54 9.76 -7.01
CA SER C 13 19.80 11.10 -6.48
C SER C 13 18.51 11.96 -6.54
N ALA C 14 17.62 11.71 -7.54
CA ALA C 14 16.33 12.40 -7.65
C ALA C 14 15.40 11.96 -6.49
N PHE C 15 15.26 10.64 -6.23
CA PHE C 15 14.46 10.08 -5.11
C PHE C 15 14.96 10.61 -3.75
N ASP C 16 16.29 10.81 -3.61
CA ASP C 16 16.96 11.35 -2.41
C ASP C 16 16.49 12.80 -2.12
N ILE C 17 16.33 13.60 -3.18
CA ILE C 17 15.86 14.99 -3.08
C ILE C 17 14.39 14.96 -2.61
N LEU C 18 13.60 13.97 -3.12
CA LEU C 18 12.20 13.78 -2.73
C LEU C 18 12.10 13.36 -1.25
N GLY C 19 13.12 12.66 -0.75
CA GLY C 19 13.21 12.27 0.65
C GLY C 19 13.53 13.49 1.50
N ALA C 20 14.55 14.26 1.07
CA ALA C 20 15.04 15.48 1.70
C ALA C 20 13.99 16.62 1.73
N ALA C 21 13.01 16.62 0.80
CA ALA C 21 11.97 17.66 0.68
C ALA C 21 11.02 17.70 1.88
N GLY C 22 10.78 16.54 2.49
CA GLY C 22 9.89 16.39 3.65
C GLY C 22 8.50 15.94 3.28
N GLN C 23 7.76 15.39 4.25
CA GLN C 23 6.40 14.86 4.09
C GLN C 23 5.40 15.94 3.67
N ASP C 24 5.57 17.19 4.16
CA ASP C 24 4.70 18.32 3.81
C ASP C 24 4.85 18.67 2.32
N LYS C 25 6.11 18.87 1.85
CA LYS C 25 6.43 19.19 0.46
C LYS C 25 6.14 18.00 -0.46
N LEU C 26 6.15 16.77 0.06
CA LEU C 26 5.83 15.58 -0.73
C LEU C 26 4.35 15.57 -1.07
N LEU C 27 3.47 15.79 -0.05
CA LEU C 27 2.02 15.85 -0.23
C LEU C 27 1.61 17.07 -1.08
N TYR C 28 2.40 18.16 -1.02
CA TYR C 28 2.16 19.34 -1.87
C TYR C 28 2.40 18.95 -3.33
N LEU C 29 3.54 18.24 -3.60
CA LEU C 29 3.90 17.75 -4.93
C LEU C 29 2.98 16.63 -5.39
N LYS C 30 2.38 15.88 -4.45
CA LYS C 30 1.43 14.80 -4.73
C LYS C 30 0.16 15.39 -5.36
N HIS C 31 -0.48 16.32 -4.62
CA HIS C 31 -1.73 16.99 -4.98
C HIS C 31 -1.62 17.92 -6.19
N LYS C 32 -0.43 18.50 -6.41
CA LYS C 32 -0.14 19.46 -7.49
C LYS C 32 0.20 18.77 -8.83
N LEU C 33 1.01 17.69 -8.81
CA LEU C 33 1.45 17.02 -10.04
C LEU C 33 0.37 16.13 -10.69
N LYS C 34 -0.72 15.79 -9.97
CA LYS C 34 -1.83 14.95 -10.46
C LYS C 34 -2.58 15.64 -11.65
N THR C 35 -2.53 16.99 -11.72
CA THR C 35 -3.15 17.79 -12.80
C THR C 35 -2.09 18.26 -13.81
N PRO C 36 -2.31 18.03 -15.12
CA PRO C 36 -1.29 18.42 -16.12
C PRO C 36 -1.13 19.94 -16.30
N ARG C 37 0.09 20.39 -16.65
CA ARG C 37 0.44 21.79 -16.92
C ARG C 37 1.12 21.91 -18.29
N PRO C 38 0.84 22.99 -19.06
CA PRO C 38 1.46 23.11 -20.39
C PRO C 38 2.94 23.50 -20.27
N GLY C 39 3.80 22.76 -20.99
CA GLY C 39 5.24 22.95 -20.98
C GLY C 39 5.92 22.40 -19.74
N CYS C 40 5.40 21.27 -19.22
CA CYS C 40 5.91 20.60 -18.01
C CYS C 40 6.07 19.09 -18.26
N GLN C 41 7.09 18.74 -19.06
CA GLN C 41 7.38 17.34 -19.38
C GLN C 41 8.07 16.65 -18.21
N GLY C 42 7.60 15.44 -17.90
CA GLY C 42 8.08 14.63 -16.80
C GLY C 42 7.29 14.82 -15.52
N GLN C 43 6.11 15.49 -15.62
CA GLN C 43 5.22 15.76 -14.50
C GLN C 43 4.55 14.48 -14.03
N ASP C 44 4.18 13.61 -14.99
CA ASP C 44 3.52 12.34 -14.72
C ASP C 44 4.46 11.37 -14.03
N LEU C 45 5.73 11.31 -14.49
CA LEU C 45 6.79 10.46 -13.92
C LEU C 45 7.17 10.95 -12.51
N LEU C 46 7.32 12.29 -12.31
CA LEU C 46 7.67 12.86 -11.00
C LEU C 46 6.55 12.62 -9.98
N HIS C 47 5.28 12.64 -10.43
CA HIS C 47 4.10 12.36 -9.61
C HIS C 47 4.17 10.95 -9.00
N ALA C 48 4.50 9.93 -9.84
CA ALA C 48 4.59 8.52 -9.45
C ALA C 48 5.72 8.26 -8.44
N MET C 49 6.84 9.00 -8.59
CA MET C 49 8.03 8.93 -7.74
C MET C 49 7.76 9.55 -6.38
N VAL C 50 6.84 10.55 -6.31
CA VAL C 50 6.38 11.24 -5.09
C VAL C 50 5.59 10.24 -4.25
N LEU C 51 4.66 9.51 -4.90
CA LEU C 51 3.82 8.47 -4.30
C LEU C 51 4.67 7.31 -3.75
N LEU C 52 5.80 6.99 -4.45
CA LEU C 52 6.73 5.93 -4.07
C LEU C 52 7.55 6.32 -2.83
N LYS C 53 7.99 7.60 -2.73
CA LYS C 53 8.74 8.08 -1.57
C LYS C 53 7.79 8.35 -0.36
N LEU C 54 6.47 8.42 -0.64
CA LEU C 54 5.40 8.59 0.35
C LEU C 54 4.81 7.23 0.78
N GLY C 55 5.51 6.15 0.47
CA GLY C 55 5.10 4.78 0.77
C GLY C 55 3.85 4.28 0.04
N GLN C 56 3.15 5.18 -0.70
CA GLN C 56 1.91 4.90 -1.43
C GLN C 56 2.20 4.12 -2.72
N GLU C 57 2.53 2.83 -2.57
CA GLU C 57 2.90 1.93 -3.68
C GLU C 57 1.73 1.62 -4.63
N THR C 58 0.52 1.34 -4.08
CA THR C 58 -0.68 1.01 -4.85
C THR C 58 -1.06 2.14 -5.83
N GLU C 59 -1.12 3.41 -5.37
CA GLU C 59 -1.46 4.55 -6.24
C GLU C 59 -0.34 4.73 -7.30
N ALA C 60 0.94 4.60 -6.88
CA ALA C 60 2.12 4.74 -7.73
C ALA C 60 2.11 3.77 -8.91
N ARG C 61 1.79 2.48 -8.66
CA ARG C 61 1.74 1.42 -9.68
C ARG C 61 0.63 1.66 -10.71
N ILE C 62 -0.51 2.25 -10.28
CA ILE C 62 -1.64 2.60 -11.15
C ILE C 62 -1.20 3.72 -12.10
N SER C 63 -0.48 4.74 -11.57
CA SER C 63 0.06 5.89 -12.32
C SER C 63 1.06 5.43 -13.38
N LEU C 64 2.00 4.51 -12.99
CA LEU C 64 3.05 3.98 -13.86
C LEU C 64 2.50 3.04 -14.94
N GLU C 65 1.36 2.38 -14.68
CA GLU C 65 0.72 1.50 -15.66
C GLU C 65 0.13 2.36 -16.81
N ALA C 66 -0.37 3.57 -16.48
CA ALA C 66 -0.89 4.52 -17.46
C ALA C 66 0.23 5.11 -18.34
N LEU C 67 1.51 4.85 -17.98
CA LEU C 67 2.72 5.33 -18.64
C LEU C 67 3.58 4.19 -19.23
N LYS C 68 3.04 2.93 -19.25
CA LYS C 68 3.74 1.71 -19.70
C LYS C 68 4.34 1.81 -21.14
N ALA C 69 4.02 2.90 -21.89
CA ALA C 69 4.58 3.14 -23.23
C ALA C 69 6.01 3.71 -23.12
N ASP C 70 6.30 4.46 -22.04
CA ASP C 70 7.63 5.03 -21.80
C ASP C 70 8.53 3.99 -21.11
N ALA C 71 9.71 3.73 -21.70
CA ALA C 71 10.67 2.74 -21.20
C ALA C 71 11.26 3.14 -19.84
N VAL C 72 11.37 4.46 -19.57
CA VAL C 72 11.91 4.94 -18.29
C VAL C 72 10.81 4.67 -17.21
N ALA C 73 9.52 4.85 -17.59
CA ALA C 73 8.36 4.57 -16.71
C ALA C 73 8.24 3.06 -16.42
N ARG C 74 8.69 2.21 -17.37
CA ARG C 74 8.69 0.76 -17.23
C ARG C 74 9.76 0.31 -16.24
N LEU C 75 10.98 0.89 -16.33
CA LEU C 75 12.14 0.63 -15.48
C LEU C 75 11.87 1.08 -14.03
N VAL C 76 11.17 2.24 -13.83
CA VAL C 76 10.80 2.78 -12.52
C VAL C 76 9.70 1.88 -11.89
N ALA C 77 8.85 1.25 -12.72
CA ALA C 77 7.80 0.36 -12.22
C ALA C 77 8.38 -0.95 -11.72
N ARG C 78 9.44 -1.45 -12.39
CA ARG C 78 10.04 -2.72 -12.05
C ARG C 78 11.02 -2.66 -10.88
N GLN C 79 12.02 -1.77 -10.96
CA GLN C 79 13.12 -1.71 -10.00
C GLN C 79 12.87 -0.77 -8.80
N TRP C 80 11.75 -0.03 -8.80
CA TRP C 80 11.41 0.89 -7.71
C TRP C 80 9.99 0.64 -7.17
N ALA C 81 9.03 0.22 -8.03
CA ALA C 81 7.64 -0.04 -7.62
C ALA C 81 7.34 -1.55 -7.50
N GLY C 82 8.34 -2.39 -7.74
CA GLY C 82 8.29 -3.84 -7.59
C GLY C 82 7.45 -4.66 -8.54
N VAL C 83 6.93 -4.03 -9.61
CA VAL C 83 6.10 -4.70 -10.61
C VAL C 83 6.99 -5.62 -11.48
N ASP C 84 6.70 -6.92 -11.50
CA ASP C 84 7.46 -7.89 -12.29
C ASP C 84 7.09 -7.76 -13.76
N SER C 85 8.08 -7.90 -14.66
CA SER C 85 7.87 -7.85 -16.11
C SER C 85 7.10 -9.10 -16.58
N THR C 86 6.11 -8.88 -17.45
CA THR C 86 5.25 -9.90 -18.06
C THR C 86 5.75 -10.21 -19.48
N GLU C 87 6.37 -9.20 -20.13
CA GLU C 87 6.92 -9.24 -21.48
C GLU C 87 8.28 -9.98 -21.50
N ASP C 88 8.91 -10.08 -22.69
CA ASP C 88 10.21 -10.71 -22.86
C ASP C 88 11.33 -9.79 -22.30
N PRO C 89 12.45 -10.36 -21.74
CA PRO C 89 13.50 -9.50 -21.15
C PRO C 89 14.08 -8.47 -22.12
N GLU C 90 13.86 -7.18 -21.80
CA GLU C 90 14.38 -6.06 -22.60
C GLU C 90 15.60 -5.43 -21.92
N GLU C 91 16.58 -4.98 -22.75
CA GLU C 91 17.81 -4.32 -22.32
C GLU C 91 17.45 -2.98 -21.64
N PRO C 92 18.18 -2.53 -20.59
CA PRO C 92 17.79 -1.27 -19.89
C PRO C 92 17.79 -0.01 -20.79
N PRO C 93 16.95 1.01 -20.45
CA PRO C 93 16.88 2.20 -21.32
C PRO C 93 17.79 3.35 -20.89
N ASP C 94 18.03 4.26 -21.85
CA ASP C 94 18.75 5.52 -21.62
C ASP C 94 17.80 6.41 -20.80
N VAL C 95 18.28 6.89 -19.66
CA VAL C 95 17.44 7.68 -18.75
C VAL C 95 17.81 9.16 -18.77
N SER C 96 18.96 9.52 -19.38
CA SER C 96 19.57 10.85 -19.50
C SER C 96 18.57 12.02 -19.72
N TRP C 97 17.68 11.93 -20.75
CA TRP C 97 16.70 12.97 -21.09
C TRP C 97 15.60 13.10 -20.02
N ALA C 98 15.07 11.94 -19.55
CA ALA C 98 14.02 11.86 -18.52
C ALA C 98 14.54 12.41 -17.19
N VAL C 99 15.79 12.07 -16.83
CA VAL C 99 16.46 12.53 -15.62
C VAL C 99 16.64 14.05 -15.70
N ALA C 100 16.85 14.61 -16.91
CA ALA C 100 16.98 16.05 -17.12
C ALA C 100 15.64 16.77 -16.93
N ARG C 101 14.53 16.15 -17.39
CA ARG C 101 13.18 16.69 -17.25
C ARG C 101 12.75 16.65 -15.78
N LEU C 102 13.15 15.58 -15.04
CA LEU C 102 12.79 15.47 -13.61
C LEU C 102 13.63 16.45 -12.77
N TYR C 103 14.87 16.74 -13.21
CA TYR C 103 15.76 17.66 -12.51
C TYR C 103 15.32 19.10 -12.74
N HIS C 104 14.72 19.41 -13.94
CA HIS C 104 14.21 20.76 -14.20
C HIS C 104 13.03 21.03 -13.29
N LEU C 105 12.13 20.03 -13.13
CA LEU C 105 10.95 20.15 -12.28
C LEU C 105 11.36 20.28 -10.83
N LEU C 106 12.42 19.54 -10.42
CA LEU C 106 12.94 19.60 -9.06
C LEU C 106 13.57 20.97 -8.76
N ALA C 107 14.27 21.56 -9.76
CA ALA C 107 14.88 22.88 -9.63
C ALA C 107 13.81 23.99 -9.48
N GLU C 108 12.74 23.95 -10.31
CA GLU C 108 11.62 24.92 -10.33
C GLU C 108 10.91 25.00 -8.99
N GLU C 109 10.78 23.84 -8.33
CA GLU C 109 10.15 23.67 -7.02
C GLU C 109 11.13 24.04 -5.88
N LYS C 110 12.36 24.50 -6.23
CA LYS C 110 13.45 24.93 -5.34
C LYS C 110 13.87 23.79 -4.35
N LEU C 111 13.86 22.54 -4.84
CA LEU C 111 14.23 21.34 -4.06
C LEU C 111 15.71 20.96 -4.28
N CYS C 112 16.34 21.49 -5.38
CA CYS C 112 17.75 21.29 -5.70
C CYS C 112 18.26 22.49 -6.54
N PRO C 113 19.60 22.83 -6.53
CA PRO C 113 20.07 23.98 -7.32
C PRO C 113 19.90 23.81 -8.82
N ALA C 114 19.79 24.92 -9.56
CA ALA C 114 19.59 24.94 -11.02
C ALA C 114 20.78 24.35 -11.78
N SER C 115 21.96 24.33 -11.13
CA SER C 115 23.20 23.81 -11.67
C SER C 115 23.07 22.32 -12.00
N LEU C 116 22.31 21.56 -11.18
CA LEU C 116 22.09 20.13 -11.39
C LEU C 116 21.26 19.88 -12.66
N ARG C 117 20.28 20.77 -12.97
CA ARG C 117 19.45 20.72 -14.19
C ARG C 117 20.35 20.80 -15.40
N ASP C 118 21.28 21.77 -15.40
CA ASP C 118 22.25 22.05 -16.46
C ASP C 118 23.13 20.82 -16.76
N VAL C 119 23.74 20.20 -15.71
CA VAL C 119 24.59 19.03 -15.80
C VAL C 119 23.78 17.87 -16.42
N ALA C 120 22.54 17.65 -15.91
CA ALA C 120 21.63 16.59 -16.39
C ALA C 120 21.29 16.74 -17.89
N TYR C 121 21.00 17.97 -18.39
CA TYR C 121 20.74 18.25 -19.82
C TYR C 121 22.05 18.15 -20.64
N GLN C 122 23.22 18.30 -19.96
CA GLN C 122 24.53 18.22 -20.61
C GLN C 122 24.94 16.76 -20.80
N GLU C 123 24.72 15.90 -19.78
CA GLU C 123 25.03 14.46 -19.91
C GLU C 123 24.12 13.87 -20.99
N ALA C 124 22.86 14.36 -21.05
CA ALA C 124 21.81 13.98 -22.00
C ALA C 124 22.24 14.29 -23.43
N VAL C 125 22.70 15.54 -23.69
CA VAL C 125 23.15 15.96 -25.02
C VAL C 125 24.30 15.06 -25.47
N ARG C 126 25.18 14.68 -24.52
CA ARG C 126 26.36 13.82 -24.73
C ARG C 126 25.96 12.40 -25.16
N THR C 127 25.02 11.77 -24.43
CA THR C 127 24.53 10.41 -24.68
C THR C 127 23.80 10.29 -26.05
N LEU C 128 22.96 11.29 -26.40
CA LEU C 128 22.23 11.27 -27.67
C LEU C 128 23.19 11.53 -28.84
N SER C 129 24.32 12.21 -28.58
CA SER C 129 25.33 12.50 -29.59
C SER C 129 26.18 11.27 -29.93
N SER C 130 26.45 10.41 -28.94
CA SER C 130 27.27 9.22 -29.09
C SER C 130 26.62 8.13 -29.99
N ARG C 131 25.31 8.24 -30.29
CA ARG C 131 24.61 7.28 -31.14
C ARG C 131 23.85 7.97 -32.28
N ASP C 132 24.24 9.24 -32.57
CA ASP C 132 23.71 10.13 -33.62
C ASP C 132 22.17 10.14 -33.68
N ASP C 133 21.50 10.29 -32.51
CA ASP C 133 20.03 10.29 -32.37
C ASP C 133 19.38 11.41 -33.22
N HIS C 134 18.26 11.06 -33.91
CA HIS C 134 17.51 11.98 -34.79
C HIS C 134 16.77 13.05 -33.99
N ARG C 135 16.64 12.85 -32.67
CA ARG C 135 15.98 13.76 -31.72
C ARG C 135 17.00 14.66 -30.96
N LEU C 136 18.24 14.81 -31.49
CA LEU C 136 19.28 15.62 -30.84
C LEU C 136 18.91 17.12 -30.83
N GLY C 137 18.56 17.66 -32.00
CA GLY C 137 18.15 19.05 -32.16
C GLY C 137 16.98 19.46 -31.28
N GLU C 138 16.04 18.51 -31.04
CA GLU C 138 14.85 18.67 -30.20
C GLU C 138 15.26 18.91 -28.74
N LEU C 139 16.18 18.06 -28.23
CA LEU C 139 16.74 18.09 -26.88
C LEU C 139 17.61 19.37 -26.69
N GLN C 140 18.43 19.74 -27.71
CA GLN C 140 19.28 20.95 -27.68
C GLN C 140 18.41 22.21 -27.56
N ASP C 141 17.23 22.22 -28.24
CA ASP C 141 16.26 23.30 -28.16
C ASP C 141 15.62 23.37 -26.75
N GLU C 142 15.36 22.18 -26.13
CA GLU C 142 14.76 22.02 -24.80
C GLU C 142 15.75 22.48 -23.73
N ALA C 143 17.02 22.01 -23.84
CA ALA C 143 18.11 22.36 -22.93
C ALA C 143 18.38 23.87 -22.94
N ARG C 144 18.27 24.53 -24.12
CA ARG C 144 18.51 25.97 -24.24
C ARG C 144 17.34 26.80 -23.71
N ASN C 145 16.11 26.26 -23.81
CA ASN C 145 14.90 26.97 -23.37
C ASN C 145 14.69 26.84 -21.87
N ARG C 146 14.93 25.64 -21.30
CA ARG C 146 14.77 25.36 -19.87
C ARG C 146 15.98 25.90 -19.06
N CYS C 147 17.24 25.58 -19.49
CA CYS C 147 18.47 26.01 -18.80
C CYS C 147 18.74 27.51 -18.98
N GLY C 148 18.34 28.09 -20.11
CA GLY C 148 18.54 29.50 -20.41
C GLY C 148 19.46 29.81 -21.57
N GLY D 8 -20.01 3.28 20.69
CA GLY D 8 -18.95 3.79 19.82
C GLY D 8 -17.62 3.96 20.56
N PRO D 9 -16.49 3.44 20.00
CA PRO D 9 -15.19 3.59 20.69
C PRO D 9 -14.84 5.06 20.90
N SER D 10 -14.39 5.40 22.12
CA SER D 10 -14.05 6.77 22.54
C SER D 10 -13.18 6.80 23.80
N LEU D 11 -12.73 8.01 24.21
CA LEU D 11 -11.99 8.21 25.46
C LEU D 11 -12.90 7.92 26.66
N PRO D 12 -14.14 8.50 26.79
CA PRO D 12 -14.97 8.21 27.98
C PRO D 12 -15.42 6.74 28.08
N SER D 13 -15.67 6.09 26.91
CA SER D 13 -16.08 4.69 26.87
C SER D 13 -14.92 3.78 27.30
N ALA D 14 -13.66 4.21 27.05
CA ALA D 14 -12.44 3.48 27.47
C ALA D 14 -12.29 3.53 29.00
N PHE D 15 -12.48 4.73 29.64
CA PHE D 15 -12.45 4.90 31.09
C PHE D 15 -13.55 4.08 31.78
N ASP D 16 -14.74 3.96 31.13
CA ASP D 16 -15.90 3.19 31.60
C ASP D 16 -15.56 1.70 31.70
N ILE D 17 -14.80 1.15 30.72
CA ILE D 17 -14.35 -0.24 30.66
C ILE D 17 -13.35 -0.47 31.81
N LEU D 18 -12.51 0.55 32.10
CA LEU D 18 -11.55 0.53 33.22
C LEU D 18 -12.30 0.55 34.57
N GLY D 19 -13.49 1.15 34.61
CA GLY D 19 -14.33 1.16 35.80
C GLY D 19 -14.95 -0.22 35.98
N ALA D 20 -15.54 -0.73 34.88
CA ALA D 20 -16.19 -2.04 34.77
C ALA D 20 -15.25 -3.24 35.03
N ALA D 21 -13.91 -3.08 34.79
CA ALA D 21 -12.88 -4.13 34.97
C ALA D 21 -12.74 -4.58 36.44
N GLY D 22 -12.96 -3.66 37.37
CA GLY D 22 -12.85 -3.91 38.80
C GLY D 22 -11.51 -3.49 39.39
N GLN D 23 -11.47 -3.30 40.72
CA GLN D 23 -10.29 -2.85 41.47
C GLN D 23 -9.13 -3.85 41.38
N ASP D 24 -9.43 -5.16 41.35
CA ASP D 24 -8.41 -6.23 41.23
C ASP D 24 -7.72 -6.15 39.87
N LYS D 25 -8.51 -6.11 38.77
CA LYS D 25 -8.00 -6.01 37.39
C LYS D 25 -7.36 -4.66 37.12
N LEU D 26 -7.76 -3.61 37.86
CA LEU D 26 -7.16 -2.28 37.72
C LEU D 26 -5.72 -2.30 38.26
N LEU D 27 -5.52 -2.86 39.48
CA LEU D 27 -4.21 -2.99 40.12
C LEU D 27 -3.30 -3.95 39.35
N TYR D 28 -3.90 -4.95 38.65
CA TYR D 28 -3.15 -5.88 37.79
C TYR D 28 -2.58 -5.09 36.63
N LEU D 29 -3.44 -4.25 35.97
CA LEU D 29 -3.07 -3.38 34.85
C LEU D 29 -2.14 -2.26 35.29
N LYS D 30 -2.21 -1.85 36.57
CA LYS D 30 -1.35 -0.82 37.14
C LYS D 30 0.10 -1.32 37.19
N HIS D 31 0.30 -2.46 37.88
CA HIS D 31 1.60 -3.10 38.11
C HIS D 31 2.25 -3.66 36.82
N LYS D 32 1.42 -4.08 35.84
CA LYS D 32 1.84 -4.68 34.57
C LYS D 32 2.24 -3.62 33.50
N LEU D 33 1.46 -2.53 33.38
CA LEU D 33 1.70 -1.53 32.34
C LEU D 33 2.88 -0.57 32.64
N LYS D 34 3.38 -0.54 33.89
CA LYS D 34 4.51 0.31 34.32
C LYS D 34 5.84 -0.09 33.57
N THR D 35 5.95 -1.37 33.13
CA THR D 35 7.11 -1.90 32.41
C THR D 35 6.81 -1.99 30.90
N PRO D 36 7.70 -1.43 30.03
CA PRO D 36 7.41 -1.47 28.58
C PRO D 36 7.52 -2.87 27.96
N ARG D 37 6.71 -3.12 26.90
CA ARG D 37 6.68 -4.37 26.12
C ARG D 37 6.85 -4.05 24.63
N PRO D 38 7.60 -4.88 23.87
CA PRO D 38 7.77 -4.61 22.44
C PRO D 38 6.50 -4.95 21.66
N GLY D 39 6.06 -4.01 20.82
CA GLY D 39 4.86 -4.12 20.00
C GLY D 39 3.59 -3.88 20.78
N CYS D 40 3.64 -2.95 21.76
CA CYS D 40 2.52 -2.59 22.64
C CYS D 40 2.39 -1.07 22.73
N GLN D 41 1.94 -0.43 21.64
CA GLN D 41 1.79 1.03 21.61
C GLN D 41 0.52 1.44 22.35
N GLY D 42 0.66 2.50 23.15
CA GLY D 42 -0.41 3.05 23.99
C GLY D 42 -0.41 2.47 25.39
N GLN D 43 0.67 1.75 25.77
CA GLN D 43 0.86 1.14 27.07
C GLN D 43 1.07 2.20 28.14
N ASP D 44 1.82 3.26 27.79
CA ASP D 44 2.13 4.36 28.69
C ASP D 44 0.89 5.17 29.00
N LEU D 45 0.05 5.46 27.98
CA LEU D 45 -1.20 6.21 28.08
C LEU D 45 -2.24 5.38 28.86
N LEU D 46 -2.36 4.05 28.60
CA LEU D 46 -3.31 3.19 29.31
C LEU D 46 -2.95 3.07 30.79
N HIS D 47 -1.65 3.07 31.11
CA HIS D 47 -1.13 3.03 32.47
C HIS D 47 -1.64 4.25 33.30
N ALA D 48 -1.54 5.46 32.72
CA ALA D 48 -1.95 6.72 33.36
C ALA D 48 -3.46 6.79 33.61
N MET D 49 -4.26 6.20 32.69
CA MET D 49 -5.72 6.14 32.75
C MET D 49 -6.19 5.16 33.81
N VAL D 50 -5.38 4.12 34.10
CA VAL D 50 -5.60 3.10 35.14
C VAL D 50 -5.46 3.78 36.50
N LEU D 51 -4.39 4.59 36.67
CA LEU D 51 -4.09 5.35 37.89
C LEU D 51 -5.19 6.37 38.19
N LEU D 52 -5.78 6.97 37.12
CA LEU D 52 -6.86 7.97 37.20
C LEU D 52 -8.18 7.34 37.64
N LYS D 53 -8.50 6.11 37.14
CA LYS D 53 -9.73 5.40 37.55
C LYS D 53 -9.55 4.77 38.94
N LEU D 54 -8.28 4.64 39.40
CA LEU D 54 -7.92 4.12 40.72
C LEU D 54 -7.75 5.25 41.75
N GLY D 55 -8.27 6.44 41.42
CA GLY D 55 -8.19 7.64 42.28
C GLY D 55 -6.79 8.20 42.50
N GLN D 56 -5.74 7.49 42.04
CA GLN D 56 -4.32 7.87 42.19
C GLN D 56 -3.95 8.97 41.21
N GLU D 57 -4.41 10.21 41.49
CA GLU D 57 -4.20 11.39 40.65
C GLU D 57 -2.72 11.84 40.62
N THR D 58 -2.03 11.87 41.79
CA THR D 58 -0.64 12.31 41.92
C THR D 58 0.30 11.45 41.05
N GLU D 59 0.21 10.10 41.11
CA GLU D 59 1.06 9.22 40.29
C GLU D 59 0.71 9.40 38.80
N ALA D 60 -0.60 9.52 38.47
CA ALA D 60 -1.11 9.70 37.10
C ALA D 60 -0.54 10.94 36.43
N ARG D 61 -0.51 12.09 37.15
CA ARG D 61 -0.02 13.38 36.64
C ARG D 61 1.50 13.33 36.37
N ILE D 62 2.27 12.56 37.16
CA ILE D 62 3.71 12.34 37.00
C ILE D 62 3.96 11.56 35.71
N SER D 63 3.15 10.50 35.47
CA SER D 63 3.20 9.64 34.28
C SER D 63 2.89 10.43 33.00
N LEU D 64 1.84 11.29 33.05
CA LEU D 64 1.38 12.11 31.92
C LEU D 64 2.34 13.25 31.60
N GLU D 65 3.10 13.73 32.61
CA GLU D 65 4.09 14.80 32.41
C GLU D 65 5.28 14.22 31.61
N ALA D 66 5.61 12.94 31.82
CA ALA D 66 6.68 12.25 31.08
C ALA D 66 6.27 12.00 29.61
N LEU D 67 4.97 12.25 29.27
CA LEU D 67 4.37 12.06 27.94
C LEU D 67 3.87 13.38 27.32
N LYS D 68 4.24 14.55 27.92
CA LYS D 68 3.81 15.90 27.49
C LYS D 68 4.11 16.21 25.99
N ALA D 69 4.87 15.34 25.28
CA ALA D 69 5.14 15.50 23.85
C ALA D 69 3.93 15.02 23.02
N ASP D 70 3.14 14.05 23.54
CA ASP D 70 1.95 13.53 22.85
C ASP D 70 0.75 14.42 23.18
N ALA D 71 0.07 14.92 22.12
CA ALA D 71 -1.09 15.81 22.24
C ALA D 71 -2.30 15.12 22.89
N VAL D 72 -2.44 13.80 22.71
CA VAL D 72 -3.54 13.05 23.32
C VAL D 72 -3.23 12.95 24.84
N ALA D 73 -1.93 12.76 25.20
CA ALA D 73 -1.46 12.72 26.60
C ALA D 73 -1.63 14.08 27.29
N ARG D 74 -1.57 15.18 26.52
CA ARG D 74 -1.74 16.54 27.03
C ARG D 74 -3.20 16.80 27.35
N LEU D 75 -4.12 16.37 26.44
CA LEU D 75 -5.58 16.49 26.57
C LEU D 75 -6.12 15.66 27.78
N VAL D 76 -5.56 14.45 28.00
CA VAL D 76 -5.92 13.54 29.10
C VAL D 76 -5.40 14.15 30.44
N ALA D 77 -4.29 14.91 30.41
CA ALA D 77 -3.76 15.54 31.61
C ALA D 77 -4.60 16.71 32.04
N ARG D 78 -5.17 17.45 31.07
CA ARG D 78 -5.95 18.65 31.36
C ARG D 78 -7.40 18.38 31.74
N GLN D 79 -8.12 17.63 30.90
CA GLN D 79 -9.56 17.41 31.03
C GLN D 79 -9.94 16.17 31.88
N TRP D 80 -8.94 15.35 32.30
CA TRP D 80 -9.17 14.15 33.10
C TRP D 80 -8.31 14.13 34.35
N ALA D 81 -7.07 14.69 34.31
CA ALA D 81 -6.16 14.72 35.47
C ALA D 81 -6.08 16.11 36.14
N GLY D 82 -6.85 17.07 35.63
CA GLY D 82 -6.98 18.42 36.17
C GLY D 82 -5.82 19.39 36.07
N VAL D 83 -4.77 19.01 35.33
CA VAL D 83 -3.57 19.85 35.16
C VAL D 83 -3.91 21.03 34.23
N ASP D 84 -3.75 22.27 34.72
CA ASP D 84 -4.03 23.45 33.91
C ASP D 84 -2.91 23.70 32.91
N SER D 85 -3.27 24.15 31.70
CA SER D 85 -2.32 24.47 30.64
C SER D 85 -1.54 25.75 31.01
N THR D 86 -0.22 25.71 30.77
CA THR D 86 0.73 26.81 31.02
C THR D 86 1.02 27.55 29.71
N GLU D 87 0.96 26.82 28.57
CA GLU D 87 1.19 27.30 27.20
C GLU D 87 -0.03 28.06 26.67
N ASP D 88 0.04 28.55 25.41
CA ASP D 88 -1.06 29.26 24.76
C ASP D 88 -2.18 28.27 24.37
N PRO D 89 -3.49 28.70 24.40
CA PRO D 89 -4.60 27.77 24.10
C PRO D 89 -4.48 27.08 22.74
N GLU D 90 -4.33 25.73 22.76
CA GLU D 90 -4.23 24.95 21.53
C GLU D 90 -5.55 24.26 21.20
N GLU D 91 -5.86 24.14 19.89
CA GLU D 91 -7.08 23.48 19.36
C GLU D 91 -7.02 21.99 19.71
N PRO D 92 -8.16 21.31 20.02
CA PRO D 92 -8.10 19.90 20.46
C PRO D 92 -7.50 18.93 19.42
N PRO D 93 -6.88 17.80 19.87
CA PRO D 93 -6.26 16.89 18.90
C PRO D 93 -7.16 15.74 18.45
N ASP D 94 -6.77 15.12 17.32
CA ASP D 94 -7.40 13.91 16.78
C ASP D 94 -6.97 12.78 17.72
N VAL D 95 -7.94 12.03 18.24
CA VAL D 95 -7.67 10.99 19.23
C VAL D 95 -7.83 9.58 18.62
N SER D 96 -8.43 9.49 17.42
CA SER D 96 -8.77 8.30 16.64
C SER D 96 -7.71 7.16 16.71
N TRP D 97 -6.41 7.44 16.39
CA TRP D 97 -5.35 6.42 16.37
C TRP D 97 -5.00 5.93 17.80
N ALA D 98 -4.93 6.86 18.78
CA ALA D 98 -4.62 6.58 20.18
C ALA D 98 -5.74 5.71 20.79
N VAL D 99 -7.01 6.06 20.49
CA VAL D 99 -8.21 5.37 20.94
C VAL D 99 -8.22 3.95 20.33
N ALA D 100 -7.71 3.77 19.08
CA ALA D 100 -7.61 2.46 18.39
C ALA D 100 -6.54 1.57 19.07
N ARG D 101 -5.50 2.18 19.65
CA ARG D 101 -4.43 1.45 20.32
C ARG D 101 -4.87 1.01 21.71
N LEU D 102 -5.60 1.89 22.45
CA LEU D 102 -6.09 1.60 23.80
C LEU D 102 -7.13 0.48 23.74
N TYR D 103 -8.01 0.54 22.70
CA TYR D 103 -9.05 -0.44 22.46
C TYR D 103 -8.41 -1.78 22.07
N HIS D 104 -7.26 -1.77 21.35
CA HIS D 104 -6.55 -3.01 21.01
C HIS D 104 -6.06 -3.68 22.29
N LEU D 105 -5.36 -2.89 23.16
CA LEU D 105 -4.81 -3.37 24.44
C LEU D 105 -5.91 -3.90 25.38
N LEU D 106 -7.06 -3.20 25.45
CA LEU D 106 -8.21 -3.59 26.28
C LEU D 106 -8.81 -4.91 25.78
N ALA D 107 -8.88 -5.10 24.44
CA ALA D 107 -9.40 -6.32 23.80
C ALA D 107 -8.51 -7.54 24.13
N GLU D 108 -7.16 -7.37 24.11
CA GLU D 108 -6.14 -8.39 24.42
C GLU D 108 -6.21 -8.84 25.88
N GLU D 109 -6.52 -7.89 26.77
CA GLU D 109 -6.70 -8.10 28.21
C GLU D 109 -8.09 -8.68 28.53
N LYS D 110 -8.91 -8.93 27.48
CA LYS D 110 -10.28 -9.48 27.51
C LYS D 110 -11.23 -8.62 28.38
N LEU D 111 -11.06 -7.27 28.30
CA LEU D 111 -11.87 -6.29 29.02
C LEU D 111 -13.04 -5.75 28.15
N CYS D 112 -12.97 -5.94 26.81
CA CYS D 112 -14.00 -5.53 25.84
C CYS D 112 -13.97 -6.48 24.62
N PRO D 113 -15.06 -6.60 23.80
CA PRO D 113 -14.99 -7.47 22.60
C PRO D 113 -13.97 -6.96 21.58
N ALA D 114 -13.40 -7.89 20.77
CA ALA D 114 -12.39 -7.59 19.74
C ALA D 114 -12.96 -6.72 18.61
N SER D 115 -14.29 -6.81 18.37
CA SER D 115 -15.00 -6.03 17.35
C SER D 115 -14.88 -4.52 17.61
N LEU D 116 -14.75 -4.11 18.90
CA LEU D 116 -14.59 -2.70 19.28
C LEU D 116 -13.21 -2.17 18.87
N ARG D 117 -12.19 -3.04 18.75
CA ARG D 117 -10.86 -2.69 18.25
C ARG D 117 -10.96 -2.49 16.74
N ASP D 118 -11.85 -3.28 16.08
CA ASP D 118 -12.07 -3.24 14.63
C ASP D 118 -12.80 -1.96 14.23
N VAL D 119 -13.87 -1.56 14.95
CA VAL D 119 -14.63 -0.33 14.69
C VAL D 119 -13.71 0.92 14.91
N ALA D 120 -12.82 0.88 15.97
CA ALA D 120 -11.88 1.95 16.34
C ALA D 120 -10.73 2.13 15.33
N TYR D 121 -10.19 1.02 14.73
CA TYR D 121 -9.16 1.10 13.68
C TYR D 121 -9.80 1.59 12.36
N GLN D 122 -11.11 1.34 12.14
CA GLN D 122 -11.87 1.76 10.95
C GLN D 122 -12.10 3.28 10.96
N GLU D 123 -12.58 3.84 12.11
CA GLU D 123 -12.82 5.28 12.29
C GLU D 123 -11.50 6.05 12.14
N ALA D 124 -10.41 5.48 12.71
CA ALA D 124 -9.05 6.03 12.67
C ALA D 124 -8.58 6.17 11.23
N VAL D 125 -8.79 5.11 10.39
CA VAL D 125 -8.44 5.10 8.96
C VAL D 125 -9.26 6.18 8.25
N ARG D 126 -10.57 6.31 8.61
CA ARG D 126 -11.51 7.29 8.07
C ARG D 126 -11.02 8.71 8.33
N THR D 127 -10.66 9.03 9.59
CA THR D 127 -10.21 10.38 10.00
C THR D 127 -8.88 10.79 9.33
N LEU D 128 -7.92 9.86 9.21
CA LEU D 128 -6.63 10.13 8.56
C LEU D 128 -6.81 10.27 7.03
N SER D 129 -7.85 9.66 6.47
CA SER D 129 -8.16 9.72 5.04
C SER D 129 -8.81 11.06 4.67
N SER D 130 -9.62 11.66 5.57
CA SER D 130 -10.30 12.92 5.33
C SER D 130 -9.35 14.15 5.23
N ARG D 131 -8.07 13.99 5.62
CA ARG D 131 -7.08 15.08 5.55
C ARG D 131 -5.80 14.64 4.85
N ASP D 132 -5.90 13.51 4.08
CA ASP D 132 -4.84 12.88 3.28
C ASP D 132 -3.48 12.77 4.04
N ASP D 133 -3.52 12.26 5.29
CA ASP D 133 -2.36 12.10 6.18
C ASP D 133 -1.28 11.21 5.54
N HIS D 134 0.01 11.64 5.68
CA HIS D 134 1.18 10.92 5.13
C HIS D 134 1.46 9.61 5.89
N ARG D 135 0.83 9.45 7.07
CA ARG D 135 0.95 8.28 7.96
C ARG D 135 -0.24 7.30 7.78
N LEU D 136 -0.98 7.38 6.65
CA LEU D 136 -2.14 6.52 6.41
C LEU D 136 -1.72 5.05 6.22
N GLY D 137 -0.76 4.80 5.32
CA GLY D 137 -0.21 3.48 5.04
C GLY D 137 0.32 2.75 6.27
N GLU D 138 0.91 3.54 7.22
CA GLU D 138 1.47 3.07 8.50
C GLU D 138 0.36 2.50 9.38
N LEU D 139 -0.75 3.26 9.52
CA LEU D 139 -1.95 2.91 10.30
C LEU D 139 -2.68 1.73 9.65
N GLN D 140 -2.80 1.69 8.30
CA GLN D 140 -3.43 0.60 7.54
C GLN D 140 -2.69 -0.72 7.78
N ASP D 141 -1.33 -0.66 7.86
CA ASP D 141 -0.47 -1.80 8.17
C ASP D 141 -0.71 -2.29 9.61
N GLU D 142 -0.86 -1.32 10.55
CA GLU D 142 -1.12 -1.54 11.99
C GLU D 142 -2.50 -2.17 12.21
N ALA D 143 -3.53 -1.61 11.57
CA ALA D 143 -4.89 -2.10 11.66
C ALA D 143 -5.00 -3.53 11.13
N ARG D 144 -4.30 -3.84 10.01
CA ARG D 144 -4.33 -5.17 9.40
C ARG D 144 -3.56 -6.21 10.25
N ASN D 145 -2.52 -5.76 10.97
CA ASN D 145 -1.68 -6.63 11.81
C ASN D 145 -2.34 -6.96 13.16
N ARG D 146 -2.98 -5.97 13.79
CA ARG D 146 -3.65 -6.11 15.09
C ARG D 146 -5.03 -6.78 14.90
N CYS D 147 -5.88 -6.27 13.95
CA CYS D 147 -7.24 -6.79 13.68
C CYS D 147 -7.25 -8.13 12.92
N GLY D 148 -6.73 -8.12 11.69
CA GLY D 148 -6.70 -9.27 10.80
C GLY D 148 -6.78 -8.87 9.33
#